data_8R30
#
_entry.id   8R30
#
_cell.length_a   44.252
_cell.length_b   45.506
_cell.length_c   117.416
_cell.angle_alpha   90.000
_cell.angle_beta   90.000
_cell.angle_gamma   90.000
#
_symmetry.space_group_name_H-M   'P 21 21 21'
#
loop_
_entity.id
_entity.type
_entity.pdbx_description
1 polymer Beta-lactamase
2 non-polymer N-[[(3S)-1-oxidanyl-3H-2,1-benzoxaborol-3-yl]methyl]-4-[oxidanyl(oxidanylidene)-$l^{4}-azanyl]benzenesulfonamide
3 non-polymer 'SULFATE ION'
4 non-polymer 'CHLORIDE ION'
5 non-polymer 'SODIUM ION'
6 non-polymer 'DIMETHYL SULFOXIDE'
7 water water
#
_entity_poly.entity_id   1
_entity_poly.type   'polypeptide(L)'
_entity_poly.pdbx_seq_one_letter_code
;GPQTADVQQKLAELERQSGGRLGVALINTADNSQILYRADERFAMCSTSKVMAAAAVLKKSESEPNLLNQRVEIKKSDLV
NYNPIAEKHVNGTMSLAELSAAALQYSDNVAMNKLIAHVGGPASVTAFARQLGDETFRLDRTEPTLNTAIPGDPRDTTSP
RAMAQTLRNLTLGKALGDSQRAQLVTWMKGNTTGAASIQAGLPASWVVGDKTGSGGYGTTNDIAVIWPKDRAPLILVTYF
TQPQPKAESRRDVLASAAKIVTDGL
;
_entity_poly.pdbx_strand_id   A
#
loop_
_chem_comp.id
_chem_comp.type
_chem_comp.name
_chem_comp.formula
CL non-polymer 'CHLORIDE ION' 'Cl -1'
DMS non-polymer 'DIMETHYL SULFOXIDE' 'C2 H6 O S'
NA non-polymer 'SODIUM ION' 'Na 1'
SO4 non-polymer 'SULFATE ION' 'O4 S -2'
XR3 non-polymer N-[[(3S)-1-oxidanyl-3H-2,1-benzoxaborol-3-yl]methyl]-4-[oxidanyl(oxidanylidene)-$l^{4}-azanyl]benzenesulfonamide 'C14 H13 B N2 O6 S -1'
#
# COMPACT_ATOMS: atom_id res chain seq x y z
N THR A 4 -24.47 -5.72 -2.13
CA THR A 4 -25.50 -6.05 -1.16
C THR A 4 -25.71 -4.90 -0.17
N ALA A 5 -26.98 -4.64 0.15
CA ALA A 5 -27.25 -3.78 1.30
C ALA A 5 -26.70 -4.41 2.57
N ASP A 6 -26.63 -5.74 2.61
N ASP A 6 -26.66 -5.74 2.62
CA ASP A 6 -26.12 -6.43 3.80
CA ASP A 6 -26.16 -6.41 3.82
C ASP A 6 -24.64 -6.11 4.01
C ASP A 6 -24.68 -6.12 4.04
N VAL A 7 -23.83 -6.15 2.96
N VAL A 7 -23.87 -6.16 2.98
CA VAL A 7 -22.40 -5.86 3.11
CA VAL A 7 -22.45 -5.86 3.14
C VAL A 7 -22.21 -4.42 3.59
C VAL A 7 -22.25 -4.43 3.63
N GLN A 8 -23.03 -3.50 3.09
CA GLN A 8 -22.95 -2.11 3.54
C GLN A 8 -23.32 -1.98 5.00
N GLN A 9 -24.39 -2.65 5.43
CA GLN A 9 -24.77 -2.60 6.83
C GLN A 9 -23.65 -3.15 7.71
N LYS A 10 -23.06 -4.26 7.29
CA LYS A 10 -22.02 -4.86 8.11
C LYS A 10 -20.79 -3.96 8.20
N LEU A 11 -20.39 -3.31 7.11
CA LEU A 11 -19.26 -2.39 7.19
C LEU A 11 -19.57 -1.20 8.09
N ALA A 12 -20.80 -0.66 8.00
CA ALA A 12 -21.18 0.45 8.86
C ALA A 12 -21.15 0.03 10.33
N GLU A 13 -21.61 -1.19 10.61
CA GLU A 13 -21.61 -1.69 11.97
C GLU A 13 -20.19 -1.89 12.49
N LEU A 14 -19.31 -2.43 11.63
CA LEU A 14 -17.90 -2.57 12.00
C LEU A 14 -17.28 -1.21 12.31
N GLU A 15 -17.51 -0.23 11.43
CA GLU A 15 -16.95 1.09 11.68
C GLU A 15 -17.47 1.66 13.00
N ARG A 16 -18.77 1.57 13.21
CA ARG A 16 -19.36 2.11 14.44
C ARG A 16 -18.69 1.50 15.66
N GLN A 17 -18.55 0.17 15.68
N GLN A 17 -18.56 0.17 15.69
CA GLN A 17 -17.98 -0.50 16.84
CA GLN A 17 -17.97 -0.49 16.86
C GLN A 17 -16.49 -0.20 16.98
C GLN A 17 -16.48 -0.18 16.99
N SER A 18 -15.79 0.01 15.87
CA SER A 18 -14.34 0.22 15.92
C SER A 18 -13.96 1.53 16.61
N GLY A 19 -14.85 2.51 16.61
CA GLY A 19 -14.56 3.83 17.14
C GLY A 19 -13.84 4.76 16.20
N GLY A 20 -13.43 4.30 15.03
CA GLY A 20 -12.68 5.12 14.09
C GLY A 20 -13.42 5.36 12.80
N ARG A 21 -12.63 5.60 11.75
CA ARG A 21 -13.12 5.91 10.42
C ARG A 21 -12.51 4.88 9.48
N LEU A 22 -13.37 4.17 8.76
CA LEU A 22 -13.03 3.03 7.91
C LEU A 22 -13.26 3.38 6.45
N GLY A 23 -12.31 3.03 5.60
CA GLY A 23 -12.43 3.19 4.16
C GLY A 23 -12.15 1.87 3.47
N VAL A 24 -13.04 1.44 2.59
CA VAL A 24 -12.89 0.16 1.91
C VAL A 24 -13.17 0.35 0.42
N ALA A 25 -12.36 -0.29 -0.41
CA ALA A 25 -12.71 -0.48 -1.81
C ALA A 25 -12.26 -1.87 -2.23
N LEU A 26 -13.22 -2.69 -2.62
CA LEU A 26 -12.99 -3.99 -3.24
C LEU A 26 -13.34 -3.89 -4.71
N ILE A 27 -12.43 -4.35 -5.57
CA ILE A 27 -12.73 -4.57 -6.99
C ILE A 27 -12.68 -6.07 -7.22
N ASN A 28 -13.78 -6.63 -7.71
CA ASN A 28 -13.84 -8.04 -8.05
C ASN A 28 -13.71 -8.16 -9.57
N THR A 29 -12.57 -8.65 -10.05
CA THR A 29 -12.38 -8.72 -11.49
C THR A 29 -13.17 -9.86 -12.14
N ALA A 30 -13.83 -10.72 -11.37
CA ALA A 30 -14.71 -11.71 -11.98
C ALA A 30 -15.83 -11.04 -12.77
N ASP A 31 -16.40 -9.96 -12.24
CA ASP A 31 -17.54 -9.31 -12.84
C ASP A 31 -17.37 -7.80 -12.93
N ASN A 32 -16.18 -7.28 -12.65
CA ASN A 32 -15.91 -5.84 -12.72
C ASN A 32 -16.79 -5.04 -11.77
N SER A 33 -17.13 -5.63 -10.63
CA SER A 33 -17.93 -4.96 -9.62
C SER A 33 -17.04 -4.38 -8.53
N GLN A 34 -17.64 -3.51 -7.73
CA GLN A 34 -16.94 -2.87 -6.62
C GLN A 34 -17.83 -2.85 -5.39
N ILE A 35 -17.20 -2.94 -4.23
CA ILE A 35 -17.83 -2.66 -2.95
C ILE A 35 -17.06 -1.50 -2.34
N LEU A 36 -17.76 -0.43 -2.00
CA LEU A 36 -17.16 0.84 -1.60
C LEU A 36 -17.74 1.32 -0.28
N TYR A 37 -16.87 1.80 0.61
CA TYR A 37 -17.28 2.38 1.87
C TYR A 37 -16.35 3.54 2.17
N ARG A 38 -16.89 4.76 2.24
CA ARG A 38 -16.07 5.97 2.35
C ARG A 38 -14.96 5.98 1.29
N ALA A 39 -15.28 5.47 0.10
CA ALA A 39 -14.21 5.20 -0.85
C ALA A 39 -13.68 6.45 -1.54
N ASP A 40 -14.35 7.59 -1.39
CA ASP A 40 -13.86 8.85 -1.92
C ASP A 40 -13.31 9.77 -0.84
N GLU A 41 -13.28 9.32 0.41
CA GLU A 41 -12.65 10.10 1.46
C GLU A 41 -11.14 9.86 1.46
N ARG A 42 -10.41 10.84 1.97
CA ARG A 42 -8.96 10.75 2.08
C ARG A 42 -8.56 10.12 3.41
N PHE A 43 -7.52 9.29 3.34
CA PHE A 43 -6.90 8.64 4.48
C PHE A 43 -5.39 8.74 4.32
N ALA A 44 -4.68 8.94 5.43
CA ALA A 44 -3.23 8.89 5.42
C ALA A 44 -2.77 7.49 5.02
N MET A 45 -1.95 7.42 3.98
CA MET A 45 -1.50 6.14 3.43
C MET A 45 -0.52 5.41 4.33
N CYS A 46 0.31 6.16 5.04
CA CYS A 46 1.44 5.59 5.76
C CYS A 46 2.22 4.68 4.81
N SER A 47 2.68 3.51 5.26
CA SER A 47 3.60 2.74 4.43
C SER A 47 2.93 2.12 3.22
N THR A 48 1.60 2.20 3.06
CA THR A 48 1.03 1.72 1.81
C THR A 48 1.51 2.54 0.62
N SER A 49 2.01 3.76 0.86
CA SER A 49 2.58 4.60 -0.19
C SER A 49 3.85 4.00 -0.80
N LYS A 50 4.46 3.03 -0.14
CA LYS A 50 5.69 2.43 -0.65
C LYS A 50 5.45 1.69 -1.96
N VAL A 51 4.22 1.22 -2.20
CA VAL A 51 3.92 0.61 -3.50
C VAL A 51 4.12 1.60 -4.63
N MET A 52 3.60 2.83 -4.48
N MET A 52 3.61 2.84 -4.48
CA MET A 52 3.73 3.82 -5.55
CA MET A 52 3.74 3.81 -5.55
C MET A 52 5.18 4.21 -5.78
C MET A 52 5.21 4.17 -5.78
N ALA A 53 5.97 4.32 -4.71
CA ALA A 53 7.39 4.67 -4.86
C ALA A 53 8.16 3.56 -5.58
N ALA A 54 7.93 2.30 -5.20
CA ALA A 54 8.60 1.20 -5.87
C ALA A 54 8.16 1.13 -7.33
N ALA A 55 6.87 1.35 -7.59
CA ALA A 55 6.37 1.31 -8.96
C ALA A 55 6.99 2.42 -9.80
N ALA A 56 7.22 3.60 -9.21
CA ALA A 56 7.86 4.67 -9.95
C ALA A 56 9.28 4.29 -10.37
N VAL A 57 10.02 3.62 -9.49
CA VAL A 57 11.35 3.13 -9.83
C VAL A 57 11.28 2.06 -10.90
N LEU A 58 10.31 1.14 -10.78
CA LEU A 58 10.14 0.14 -11.83
C LEU A 58 9.84 0.79 -13.17
N LYS A 59 8.96 1.79 -13.19
N LYS A 59 8.97 1.80 -13.20
CA LYS A 59 8.68 2.48 -14.45
CA LYS A 59 8.68 2.48 -14.45
C LYS A 59 9.94 3.10 -15.03
C LYS A 59 9.93 3.11 -15.03
N LYS A 60 10.73 3.78 -14.18
CA LYS A 60 11.97 4.39 -14.63
C LYS A 60 12.89 3.35 -15.25
N SER A 61 12.91 2.14 -14.68
CA SER A 61 13.81 1.09 -15.15
C SER A 61 13.45 0.58 -16.52
N GLU A 62 12.23 0.86 -17.02
CA GLU A 62 11.86 0.38 -18.35
C GLU A 62 12.71 1.01 -19.44
N SER A 63 13.20 2.23 -19.21
N SER A 63 13.20 2.23 -19.21
CA SER A 63 14.04 2.94 -20.17
CA SER A 63 14.03 2.93 -20.17
C SER A 63 15.46 3.12 -19.67
C SER A 63 15.50 2.93 -19.77
N GLU A 64 15.82 2.43 -18.59
CA GLU A 64 17.18 2.47 -18.03
C GLU A 64 17.48 1.04 -17.57
N PRO A 65 17.96 0.18 -18.47
N PRO A 65 17.92 0.18 -18.48
CA PRO A 65 18.09 -1.24 -18.13
CA PRO A 65 18.40 -1.13 -18.05
C PRO A 65 18.92 -1.54 -16.87
C PRO A 65 19.56 -0.95 -17.09
N ASN A 66 20.01 -0.81 -16.64
N ASN A 66 19.67 -1.89 -16.15
CA ASN A 66 20.90 -1.09 -15.52
CA ASN A 66 20.62 -1.84 -15.06
C ASN A 66 20.39 -0.52 -14.20
C ASN A 66 20.27 -0.78 -14.01
N LEU A 67 19.15 -0.05 -14.16
CA LEU A 67 18.72 0.81 -13.04
C LEU A 67 18.58 0.00 -11.77
N LEU A 68 17.92 -1.15 -11.83
CA LEU A 68 17.69 -1.90 -10.61
C LEU A 68 18.99 -2.37 -9.96
N ASN A 69 20.07 -2.49 -10.75
CA ASN A 69 21.37 -2.87 -10.21
C ASN A 69 22.17 -1.69 -9.66
N GLN A 70 21.69 -0.46 -9.85
CA GLN A 70 22.44 0.71 -9.37
C GLN A 70 22.59 0.65 -7.86
N ARG A 71 23.81 0.96 -7.39
CA ARG A 71 24.16 0.91 -5.98
C ARG A 71 23.85 2.24 -5.31
N VAL A 72 23.33 2.15 -4.09
CA VAL A 72 22.97 3.31 -3.29
C VAL A 72 23.65 3.17 -1.93
N GLU A 73 24.42 4.19 -1.54
CA GLU A 73 25.08 4.17 -0.24
C GLU A 73 24.08 4.27 0.90
N ILE A 74 24.29 3.44 1.93
CA ILE A 74 23.54 3.51 3.18
C ILE A 74 24.49 4.03 4.25
N LYS A 75 24.13 5.15 4.87
CA LYS A 75 24.96 5.79 5.89
C LYS A 75 24.19 5.87 7.20
N LYS A 76 24.92 6.08 8.30
CA LYS A 76 24.24 6.29 9.57
C LYS A 76 23.24 7.43 9.47
N SER A 77 23.60 8.48 8.71
CA SER A 77 22.74 9.64 8.55
C SER A 77 21.46 9.33 7.80
N ASP A 78 21.39 8.17 7.15
CA ASP A 78 20.15 7.76 6.48
C ASP A 78 19.16 7.09 7.41
N LEU A 79 19.60 6.59 8.57
CA LEU A 79 18.70 5.83 9.41
C LEU A 79 17.55 6.71 9.87
N VAL A 80 16.37 6.11 9.90
CA VAL A 80 15.19 6.78 10.44
C VAL A 80 14.64 5.90 11.56
N ASN A 81 13.33 5.73 11.65
CA ASN A 81 12.69 5.12 12.81
C ASN A 81 12.29 3.66 12.61
N TYR A 82 12.59 3.06 11.46
CA TYR A 82 12.20 1.68 11.22
C TYR A 82 13.05 1.21 10.04
N ASN A 83 14.16 0.53 10.36
CA ASN A 83 15.24 0.26 9.40
C ASN A 83 15.67 -1.20 9.44
N PRO A 84 14.72 -2.16 9.45
CA PRO A 84 15.10 -3.56 9.70
C PRO A 84 16.12 -4.12 8.73
N ILE A 85 16.08 -3.70 7.47
CA ILE A 85 17.03 -4.17 6.47
C ILE A 85 18.21 -3.22 6.35
N ALA A 86 17.92 -1.93 6.23
CA ALA A 86 19.00 -0.96 5.99
C ALA A 86 20.01 -0.95 7.14
N GLU A 87 19.58 -1.17 8.37
CA GLU A 87 20.54 -1.14 9.47
C GLU A 87 21.63 -2.19 9.33
N LYS A 88 21.36 -3.27 8.59
CA LYS A 88 22.35 -4.31 8.34
C LYS A 88 23.34 -3.96 7.25
N HIS A 89 23.14 -2.85 6.54
CA HIS A 89 23.94 -2.47 5.38
C HIS A 89 24.59 -1.11 5.55
N VAL A 90 24.57 -0.54 6.76
CA VAL A 90 25.21 0.75 6.99
C VAL A 90 26.68 0.67 6.60
N ASN A 91 27.11 1.68 5.87
CA ASN A 91 28.47 1.86 5.36
C ASN A 91 28.77 0.99 4.14
N GLY A 92 27.78 0.27 3.63
CA GLY A 92 27.87 -0.36 2.32
C GLY A 92 26.83 0.21 1.40
N THR A 93 26.60 -0.44 0.27
CA THR A 93 25.53 -0.06 -0.65
C THR A 93 24.49 -1.17 -0.75
N MET A 94 23.29 -0.78 -1.17
CA MET A 94 22.25 -1.69 -1.59
C MET A 94 21.83 -1.31 -3.01
N SER A 95 21.44 -2.30 -3.80
CA SER A 95 20.91 -1.98 -5.11
C SER A 95 19.48 -1.42 -5.00
N LEU A 96 19.05 -0.73 -6.05
CA LEU A 96 17.67 -0.27 -6.09
C LEU A 96 16.69 -1.45 -6.04
N ALA A 97 17.03 -2.60 -6.62
CA ALA A 97 16.17 -3.78 -6.47
C ALA A 97 16.05 -4.17 -5.00
N GLU A 98 17.19 -4.24 -4.30
CA GLU A 98 17.17 -4.62 -2.89
C GLU A 98 16.39 -3.60 -2.07
N LEU A 99 16.54 -2.32 -2.38
CA LEU A 99 15.80 -1.29 -1.65
C LEU A 99 14.30 -1.41 -1.91
N SER A 100 13.93 -1.71 -3.15
CA SER A 100 12.51 -1.91 -3.47
C SER A 100 11.96 -3.09 -2.67
N ALA A 101 12.67 -4.21 -2.68
CA ALA A 101 12.23 -5.37 -1.92
C ALA A 101 12.14 -5.07 -0.43
N ALA A 102 13.13 -4.35 0.10
CA ALA A 102 13.11 -4.04 1.52
C ALA A 102 11.93 -3.14 1.88
N ALA A 103 11.67 -2.14 1.04
CA ALA A 103 10.53 -1.26 1.28
C ALA A 103 9.21 -2.02 1.23
N LEU A 104 9.07 -2.90 0.23
CA LEU A 104 7.80 -3.58 0.03
C LEU A 104 7.58 -4.74 0.98
N GLN A 105 8.64 -5.49 1.28
CA GLN A 105 8.48 -6.76 1.99
C GLN A 105 8.73 -6.65 3.47
N TYR A 106 9.51 -5.65 3.89
CA TYR A 106 9.82 -5.40 5.29
C TYR A 106 9.34 -4.03 5.74
N SER A 107 8.83 -3.22 4.82
CA SER A 107 8.39 -1.87 5.15
C SER A 107 9.53 -0.99 5.67
N ASP A 108 10.74 -1.21 5.17
CA ASP A 108 11.91 -0.45 5.62
C ASP A 108 11.77 1.01 5.19
N ASN A 109 11.95 1.93 6.15
CA ASN A 109 11.77 3.35 5.87
C ASN A 109 12.98 4.00 5.22
N VAL A 110 14.20 3.52 5.49
CA VAL A 110 15.36 4.01 4.73
C VAL A 110 15.18 3.65 3.27
N ALA A 111 14.75 2.42 3.02
CA ALA A 111 14.57 1.98 1.65
C ALA A 111 13.57 2.87 0.94
N MET A 112 12.44 3.17 1.58
CA MET A 112 11.48 4.09 0.99
C MET A 112 12.12 5.44 0.68
N ASN A 113 12.88 6.00 1.62
CA ASN A 113 13.52 7.28 1.35
C ASN A 113 14.46 7.23 0.16
N LYS A 114 15.17 6.11 -0.02
CA LYS A 114 16.05 6.00 -1.19
C LYS A 114 15.25 5.91 -2.48
N LEU A 115 14.12 5.20 -2.49
CA LEU A 115 13.27 5.17 -3.67
C LEU A 115 12.75 6.56 -4.00
N ILE A 116 12.25 7.25 -3.00
CA ILE A 116 11.77 8.62 -3.17
C ILE A 116 12.87 9.50 -3.75
N ALA A 117 14.05 9.47 -3.14
CA ALA A 117 15.13 10.35 -3.58
C ALA A 117 15.53 10.03 -5.01
N HIS A 118 15.59 8.74 -5.34
CA HIS A 118 16.06 8.37 -6.65
C HIS A 118 15.22 8.99 -7.75
N VAL A 119 13.89 8.97 -7.58
CA VAL A 119 13.00 9.46 -8.63
C VAL A 119 12.79 10.95 -8.59
N GLY A 120 13.32 11.64 -7.57
CA GLY A 120 13.27 13.08 -7.53
C GLY A 120 12.49 13.66 -6.39
N GLY A 121 11.93 12.83 -5.51
CA GLY A 121 11.26 13.31 -4.32
C GLY A 121 9.77 13.04 -4.36
N PRO A 122 9.07 13.44 -3.28
CA PRO A 122 7.64 13.14 -3.20
C PRO A 122 6.83 13.69 -4.36
N ALA A 123 7.18 14.87 -4.88
CA ALA A 123 6.42 15.42 -5.99
C ALA A 123 6.60 14.61 -7.27
N SER A 124 7.74 13.92 -7.39
CA SER A 124 7.95 13.04 -8.53
CA SER A 124 7.96 13.03 -8.53
C SER A 124 7.14 11.76 -8.39
N VAL A 125 7.07 11.19 -7.18
CA VAL A 125 6.19 10.04 -6.98
C VAL A 125 4.75 10.42 -7.30
N THR A 126 4.34 11.61 -6.86
CA THR A 126 2.99 12.09 -7.14
C THR A 126 2.78 12.28 -8.64
N ALA A 127 3.77 12.85 -9.35
CA ALA A 127 3.63 13.03 -10.79
C ALA A 127 3.53 11.69 -11.52
N PHE A 128 4.21 10.66 -11.01
CA PHE A 128 4.07 9.33 -11.57
C PHE A 128 2.63 8.83 -11.41
N ALA A 129 2.05 9.01 -10.23
CA ALA A 129 0.65 8.63 -10.05
C ALA A 129 -0.24 9.35 -11.06
N ARG A 130 -0.01 10.65 -11.25
CA ARG A 130 -0.79 11.41 -12.22
C ARG A 130 -0.65 10.83 -13.63
N GLN A 131 0.58 10.44 -14.00
CA GLN A 131 0.81 9.88 -15.32
C GLN A 131 0.02 8.59 -15.53
N LEU A 132 -0.24 7.84 -14.46
CA LEU A 132 -1.06 6.63 -14.52
C LEU A 132 -2.56 6.91 -14.57
N GLY A 133 -2.98 8.16 -14.38
CA GLY A 133 -4.39 8.47 -14.32
C GLY A 133 -4.96 8.51 -12.91
N ASP A 134 -4.10 8.52 -11.89
CA ASP A 134 -4.53 8.67 -10.50
C ASP A 134 -4.34 10.13 -10.13
N GLU A 135 -5.44 10.84 -10.01
CA GLU A 135 -5.43 12.26 -9.71
C GLU A 135 -5.81 12.52 -8.26
N THR A 136 -5.75 11.49 -7.42
CA THR A 136 -6.10 11.58 -6.01
C THR A 136 -4.89 11.42 -5.09
N PHE A 137 -4.05 10.43 -5.38
CA PHE A 137 -2.86 10.16 -4.59
C PHE A 137 -2.02 11.43 -4.43
N ARG A 138 -1.53 11.66 -3.22
CA ARG A 138 -0.51 12.68 -3.03
C ARG A 138 0.49 12.19 -1.99
N LEU A 139 1.76 12.18 -2.39
CA LEU A 139 2.86 11.98 -1.46
C LEU A 139 3.51 13.34 -1.30
N ASP A 140 3.47 13.85 -0.07
CA ASP A 140 3.94 15.17 0.28
C ASP A 140 5.31 15.16 0.94
N ARG A 141 5.56 14.19 1.81
CA ARG A 141 6.71 14.14 2.70
C ARG A 141 7.50 12.85 2.49
N THR A 142 8.70 12.86 3.09
CA THR A 142 9.55 11.69 3.20
C THR A 142 9.28 10.95 4.51
N GLU A 143 9.99 9.83 4.70
CA GLU A 143 9.95 9.12 5.97
C GLU A 143 10.85 9.84 6.98
N PRO A 144 10.43 9.93 8.24
CA PRO A 144 9.23 9.31 8.83
C PRO A 144 8.03 10.23 8.94
N THR A 145 8.16 11.49 8.54
CA THR A 145 7.11 12.45 8.83
C THR A 145 5.84 12.21 8.02
N LEU A 146 5.89 11.44 6.93
CA LEU A 146 4.70 11.23 6.12
C LEU A 146 3.63 10.44 6.86
N ASN A 147 3.91 9.90 8.04
CA ASN A 147 2.99 9.05 8.80
C ASN A 147 2.26 9.75 9.94
N THR A 148 2.31 11.09 10.03
CA THR A 148 1.68 11.75 11.16
C THR A 148 0.17 11.50 11.23
N ALA A 149 -0.50 11.43 10.07
CA ALA A 149 -1.91 11.03 9.97
C ALA A 149 -2.83 11.89 10.83
N ILE A 150 -2.59 13.19 10.84
CA ILE A 150 -3.41 14.11 11.63
C ILE A 150 -4.80 14.22 11.00
N PRO A 151 -5.87 14.09 11.77
CA PRO A 151 -7.20 14.24 11.18
C PRO A 151 -7.37 15.61 10.52
N GLY A 152 -7.96 15.60 9.33
CA GLY A 152 -8.17 16.80 8.56
C GLY A 152 -7.01 17.20 7.67
N ASP A 153 -5.87 16.53 7.80
CA ASP A 153 -4.67 16.90 7.06
C ASP A 153 -4.63 16.11 5.75
N PRO A 154 -4.63 16.76 4.59
CA PRO A 154 -4.61 16.00 3.33
C PRO A 154 -3.23 15.52 2.92
N ARG A 155 -2.17 15.89 3.63
CA ARG A 155 -0.85 15.47 3.21
C ARG A 155 -0.74 13.95 3.23
N ASP A 156 -0.09 13.39 2.20
CA ASP A 156 0.26 11.96 2.22
C ASP A 156 -0.97 11.07 2.31
N THR A 157 -2.03 11.47 1.59
CA THR A 157 -3.30 10.76 1.58
C THR A 157 -3.67 10.28 0.18
N THR A 158 -4.59 9.32 0.16
CA THR A 158 -5.34 8.99 -1.03
C THR A 158 -6.70 8.49 -0.59
N SER A 159 -7.54 8.13 -1.58
CA SER A 159 -8.83 7.53 -1.27
C SER A 159 -8.80 6.04 -1.52
N PRO A 160 -9.68 5.27 -0.86
CA PRO A 160 -9.73 3.84 -1.16
C PRO A 160 -10.03 3.55 -2.62
N ARG A 161 -10.98 4.27 -3.22
CA ARG A 161 -11.29 4.02 -4.62
C ARG A 161 -10.07 4.21 -5.50
N ALA A 162 -9.38 5.35 -5.32
CA ALA A 162 -8.24 5.63 -6.18
C ALA A 162 -7.14 4.60 -5.98
N MET A 163 -6.85 4.24 -4.73
CA MET A 163 -5.76 3.30 -4.52
C MET A 163 -6.11 1.91 -5.03
N ALA A 164 -7.37 1.50 -4.93
CA ALA A 164 -7.76 0.20 -5.48
C ALA A 164 -7.63 0.21 -6.99
N GLN A 165 -8.14 1.26 -7.64
N GLN A 165 -8.09 1.28 -7.63
CA GLN A 165 -8.04 1.34 -9.09
CA GLN A 165 -8.04 1.30 -9.09
C GLN A 165 -6.59 1.37 -9.53
C GLN A 165 -6.62 1.48 -9.61
N THR A 166 -5.76 2.16 -8.86
CA THR A 166 -4.35 2.22 -9.23
C THR A 166 -3.65 0.90 -8.97
N LEU A 167 -3.95 0.25 -7.84
CA LEU A 167 -3.32 -1.04 -7.58
C LEU A 167 -3.73 -2.06 -8.63
N ARG A 168 -4.98 -2.03 -9.07
N ARG A 168 -4.98 -2.01 -9.09
N ARG A 168 -5.00 -2.06 -9.06
CA ARG A 168 -5.38 -2.92 -10.16
CA ARG A 168 -5.42 -2.88 -10.16
CA ARG A 168 -5.40 -2.91 -10.18
C ARG A 168 -4.55 -2.64 -11.41
C ARG A 168 -4.61 -2.64 -11.43
C ARG A 168 -4.50 -2.65 -11.37
N ASN A 169 -4.34 -1.37 -11.74
CA ASN A 169 -3.53 -1.03 -12.92
C ASN A 169 -2.11 -1.56 -12.77
N LEU A 170 -1.51 -1.35 -11.60
CA LEU A 170 -0.12 -1.73 -11.36
C LEU A 170 0.10 -3.24 -11.38
N THR A 171 -0.81 -4.01 -10.77
CA THR A 171 -0.59 -5.45 -10.56
C THR A 171 -1.27 -6.34 -11.58
N LEU A 172 -2.41 -5.92 -12.13
CA LEU A 172 -3.19 -6.71 -13.05
C LEU A 172 -3.31 -6.05 -14.42
N GLY A 173 -3.13 -4.75 -14.51
CA GLY A 173 -3.22 -3.98 -15.72
C GLY A 173 -1.87 -3.71 -16.32
N LYS A 174 -1.79 -2.60 -17.06
CA LYS A 174 -0.70 -2.35 -17.99
C LYS A 174 0.10 -1.09 -17.63
N ALA A 175 0.04 -0.65 -16.38
CA ALA A 175 0.83 0.51 -15.99
C ALA A 175 2.31 0.27 -16.20
N LEU A 176 2.76 -0.94 -15.91
CA LEU A 176 4.16 -1.32 -15.98
C LEU A 176 4.34 -2.34 -17.10
N GLY A 177 5.55 -2.37 -17.66
CA GLY A 177 5.88 -3.41 -18.62
C GLY A 177 5.79 -4.77 -17.99
N ASP A 178 5.75 -5.82 -18.82
CA ASP A 178 5.47 -7.15 -18.27
C ASP A 178 6.50 -7.57 -17.24
N SER A 179 7.79 -7.33 -17.51
CA SER A 179 8.80 -7.71 -16.53
C SER A 179 8.59 -6.94 -15.22
N GLN A 180 8.33 -5.65 -15.33
CA GLN A 180 8.19 -4.80 -14.15
C GLN A 180 6.94 -5.12 -13.35
N ARG A 181 5.82 -5.36 -14.04
CA ARG A 181 4.60 -5.77 -13.37
CA ARG A 181 4.60 -5.77 -13.36
C ARG A 181 4.82 -7.08 -12.62
N ALA A 182 5.44 -8.04 -13.28
CA ALA A 182 5.71 -9.32 -12.62
C ALA A 182 6.60 -9.12 -11.41
N GLN A 183 7.60 -8.23 -11.51
CA GLN A 183 8.47 -7.97 -10.38
C GLN A 183 7.71 -7.37 -9.21
N LEU A 184 6.82 -6.41 -9.48
CA LEU A 184 6.03 -5.83 -8.41
C LEU A 184 5.17 -6.88 -7.72
N VAL A 185 4.51 -7.72 -8.53
CA VAL A 185 3.65 -8.75 -7.97
C VAL A 185 4.46 -9.74 -7.14
N THR A 186 5.61 -10.17 -7.66
CA THR A 186 6.47 -11.07 -6.90
C THR A 186 6.88 -10.45 -5.58
N TRP A 187 7.28 -9.18 -5.60
CA TRP A 187 7.66 -8.52 -4.37
C TRP A 187 6.49 -8.50 -3.38
N MET A 188 5.30 -8.10 -3.84
CA MET A 188 4.17 -7.99 -2.92
C MET A 188 3.75 -9.36 -2.38
N LYS A 189 3.81 -10.39 -3.22
CA LYS A 189 3.49 -11.75 -2.75
C LYS A 189 4.46 -12.22 -1.69
N GLY A 190 5.68 -11.70 -1.67
CA GLY A 190 6.66 -12.00 -0.66
C GLY A 190 6.63 -11.08 0.55
N ASN A 191 5.61 -10.25 0.69
CA ASN A 191 5.52 -9.38 1.85
C ASN A 191 5.55 -10.21 3.13
N THR A 192 6.29 -9.73 4.13
CA THR A 192 6.35 -10.37 5.43
C THR A 192 5.48 -9.71 6.49
N THR A 193 4.87 -8.56 6.22
CA THR A 193 4.25 -7.76 7.28
C THR A 193 2.73 -7.82 7.34
N GLY A 194 2.08 -8.62 6.50
CA GLY A 194 0.63 -8.52 6.34
C GLY A 194 -0.22 -9.61 6.92
N ALA A 195 0.35 -10.56 7.67
CA ALA A 195 -0.43 -11.73 8.08
C ALA A 195 -1.61 -11.38 8.99
N ALA A 196 -1.49 -10.30 9.79
CA ALA A 196 -2.54 -9.91 10.72
C ALA A 196 -3.61 -9.02 10.10
N SER A 197 -3.44 -8.59 8.85
CA SER A 197 -4.32 -7.60 8.25
C SER A 197 -5.29 -8.27 7.28
N ILE A 198 -5.33 -7.87 6.00
CA ILE A 198 -6.30 -8.47 5.09
C ILE A 198 -6.21 -10.00 5.11
N GLN A 199 -4.99 -10.55 5.08
CA GLN A 199 -4.81 -12.01 5.08
C GLN A 199 -5.57 -12.69 6.21
N ALA A 200 -5.65 -12.06 7.38
CA ALA A 200 -6.30 -12.65 8.53
C ALA A 200 -7.80 -12.79 8.36
N GLY A 201 -8.41 -12.08 7.41
CA GLY A 201 -9.82 -12.17 7.13
C GLY A 201 -10.18 -13.02 5.93
N LEU A 202 -9.22 -13.69 5.31
CA LEU A 202 -9.44 -14.49 4.13
C LEU A 202 -9.13 -15.95 4.44
N PRO A 203 -9.70 -16.88 3.67
CA PRO A 203 -9.32 -18.29 3.84
C PRO A 203 -7.81 -18.47 3.69
N ALA A 204 -7.31 -19.47 4.42
CA ALA A 204 -5.88 -19.74 4.42
C ALA A 204 -5.34 -20.07 3.03
N SER A 205 -6.17 -20.66 2.17
CA SER A 205 -5.71 -21.11 0.86
C SER A 205 -5.52 -19.96 -0.14
N TRP A 206 -6.08 -18.79 0.12
CA TRP A 206 -6.00 -17.72 -0.85
C TRP A 206 -4.60 -17.13 -0.85
N VAL A 207 -4.17 -16.69 -2.02
CA VAL A 207 -2.84 -16.13 -2.21
C VAL A 207 -2.97 -14.61 -2.24
N VAL A 208 -2.10 -13.93 -1.50
CA VAL A 208 -2.19 -12.49 -1.32
C VAL A 208 -0.83 -11.86 -1.58
N GLY A 209 -0.85 -10.75 -2.33
CA GLY A 209 0.27 -9.81 -2.32
C GLY A 209 -0.24 -8.52 -1.72
N ASP A 210 0.38 -8.02 -0.65
CA ASP A 210 -0.16 -6.86 0.02
C ASP A 210 0.95 -5.95 0.48
N LYS A 211 0.57 -4.72 0.81
CA LYS A 211 1.44 -3.77 1.50
C LYS A 211 0.64 -3.13 2.62
N THR A 212 1.12 -3.28 3.85
CA THR A 212 0.51 -2.69 5.02
C THR A 212 1.00 -1.25 5.22
N GLY A 213 0.27 -0.52 6.07
CA GLY A 213 0.75 0.75 6.59
C GLY A 213 0.19 1.01 7.97
N SER A 214 1.00 1.67 8.79
N SER A 214 0.99 1.65 8.80
N SER A 214 0.99 1.69 8.78
CA SER A 214 0.59 2.05 10.13
CA SER A 214 0.60 2.02 10.15
CA SER A 214 0.63 2.03 10.15
C SER A 214 1.24 3.37 10.49
C SER A 214 1.22 3.38 10.46
C SER A 214 1.24 3.39 10.48
N GLY A 215 0.54 4.17 11.29
CA GLY A 215 1.06 5.48 11.63
C GLY A 215 0.32 6.12 12.77
N GLY A 216 0.43 7.44 12.85
CA GLY A 216 -0.19 8.18 13.94
C GLY A 216 -1.70 8.02 13.95
N TYR A 217 -2.31 8.38 15.08
CA TYR A 217 -3.76 8.28 15.22
C TYR A 217 -4.24 6.86 15.00
N GLY A 218 -3.41 5.89 15.38
CA GLY A 218 -3.81 4.50 15.27
C GLY A 218 -4.13 4.09 13.85
N THR A 219 -3.53 4.75 12.88
CA THR A 219 -3.82 4.47 11.49
C THR A 219 -3.30 3.09 11.15
N THR A 220 -4.15 2.28 10.53
CA THR A 220 -3.88 0.88 10.26
C THR A 220 -4.47 0.57 8.88
N ASN A 221 -3.62 0.26 7.91
CA ASN A 221 -4.01 0.16 6.52
C ASN A 221 -3.45 -1.11 5.88
N ASP A 222 -4.05 -1.52 4.77
CA ASP A 222 -3.51 -2.61 3.96
C ASP A 222 -4.11 -2.48 2.56
N ILE A 223 -3.28 -2.74 1.56
CA ILE A 223 -3.73 -2.78 0.17
C ILE A 223 -3.23 -4.09 -0.43
N ALA A 224 -4.11 -4.77 -1.16
CA ALA A 224 -3.81 -6.13 -1.58
C ALA A 224 -4.35 -6.47 -2.95
N VAL A 225 -3.60 -7.33 -3.63
CA VAL A 225 -4.09 -8.12 -4.75
C VAL A 225 -4.24 -9.55 -4.25
N ILE A 226 -5.38 -10.16 -4.55
CA ILE A 226 -5.79 -11.41 -3.94
C ILE A 226 -6.16 -12.38 -5.06
N TRP A 227 -5.63 -13.60 -4.98
CA TRP A 227 -6.01 -14.67 -5.89
C TRP A 227 -6.78 -15.71 -5.08
N PRO A 228 -8.11 -15.63 -5.06
CA PRO A 228 -8.89 -16.63 -4.35
C PRO A 228 -8.79 -17.94 -5.11
N LYS A 229 -8.99 -19.03 -4.38
CA LYS A 229 -8.88 -20.34 -5.00
C LYS A 229 -9.84 -20.45 -6.18
N ASP A 230 -9.27 -20.72 -7.37
CA ASP A 230 -10.04 -20.96 -8.60
C ASP A 230 -10.98 -19.82 -8.96
N ARG A 231 -10.57 -18.59 -8.68
CA ARG A 231 -11.38 -17.42 -8.99
C ARG A 231 -10.52 -16.33 -9.62
N ALA A 232 -11.18 -15.42 -10.33
CA ALA A 232 -10.50 -14.24 -10.82
C ALA A 232 -9.98 -13.41 -9.64
N PRO A 233 -8.92 -12.64 -9.84
CA PRO A 233 -8.35 -11.89 -8.74
C PRO A 233 -9.25 -10.75 -8.25
N LEU A 234 -8.98 -10.36 -7.01
CA LEU A 234 -9.59 -9.22 -6.37
C LEU A 234 -8.51 -8.19 -6.06
N ILE A 235 -8.93 -6.93 -5.97
CA ILE A 235 -8.13 -5.87 -5.38
C ILE A 235 -8.88 -5.38 -4.15
N LEU A 236 -8.19 -5.25 -3.02
CA LEU A 236 -8.84 -4.78 -1.81
C LEU A 236 -7.96 -3.75 -1.11
N VAL A 237 -8.55 -2.60 -0.81
N VAL A 237 -8.53 -2.59 -0.80
CA VAL A 237 -7.95 -1.57 0.02
CA VAL A 237 -7.88 -1.59 0.03
C VAL A 237 -8.79 -1.43 1.27
C VAL A 237 -8.74 -1.34 1.25
N THR A 238 -8.14 -1.50 2.43
CA THR A 238 -8.77 -1.27 3.72
C THR A 238 -7.93 -0.25 4.47
N TYR A 239 -8.52 0.91 4.74
N TYR A 239 -8.47 0.95 4.66
CA TYR A 239 -7.87 2.00 5.43
CA TYR A 239 -7.83 1.96 5.49
C TYR A 239 -8.64 2.31 6.72
C TYR A 239 -8.63 2.13 6.77
N PHE A 240 -7.92 2.57 7.81
CA PHE A 240 -8.58 2.76 9.09
C PHE A 240 -7.77 3.77 9.91
N THR A 241 -8.46 4.70 10.55
CA THR A 241 -7.78 5.67 11.39
C THR A 241 -8.69 6.05 12.55
N GLN A 242 -8.09 6.55 13.63
CA GLN A 242 -8.77 6.68 14.90
C GLN A 242 -8.66 8.08 15.46
N PRO A 243 -9.49 8.41 16.46
CA PRO A 243 -9.53 9.80 16.92
C PRO A 243 -8.39 10.22 17.84
N GLN A 244 -7.72 9.27 18.51
CA GLN A 244 -6.73 9.60 19.54
C GLN A 244 -5.34 9.59 18.95
N PRO A 245 -4.51 10.59 19.24
CA PRO A 245 -3.17 10.62 18.64
C PRO A 245 -2.35 9.37 18.89
N LYS A 246 -2.44 8.80 20.09
N LYS A 246 -2.46 8.78 20.09
CA LYS A 246 -1.67 7.61 20.47
CA LYS A 246 -1.67 7.63 20.48
C LYS A 246 -2.54 6.37 20.54
C LYS A 246 -2.47 6.32 20.42
N ALA A 247 -3.58 6.31 19.69
CA ALA A 247 -4.35 5.09 19.56
C ALA A 247 -3.46 3.93 19.09
N GLU A 248 -3.78 2.75 19.55
CA GLU A 248 -3.05 1.57 19.14
C GLU A 248 -3.57 1.03 17.81
N SER A 249 -2.72 0.27 17.13
N SER A 249 -2.72 0.22 17.20
CA SER A 249 -3.08 -0.30 15.85
CA SER A 249 -3.05 -0.46 15.96
C SER A 249 -4.25 -1.27 15.99
C SER A 249 -4.38 -1.19 16.08
N ARG A 250 -5.07 -1.34 14.95
CA ARG A 250 -6.26 -2.18 14.91
C ARG A 250 -6.27 -3.02 13.63
N ARG A 251 -5.30 -3.92 13.52
N ARG A 251 -5.30 -3.91 13.50
CA ARG A 251 -5.23 -4.76 12.33
CA ARG A 251 -5.23 -4.76 12.33
C ARG A 251 -6.45 -5.69 12.23
C ARG A 251 -6.46 -5.66 12.23
N ASP A 252 -7.06 -6.01 13.37
CA ASP A 252 -8.27 -6.83 13.39
C ASP A 252 -9.42 -6.16 12.64
N VAL A 253 -9.49 -4.82 12.62
CA VAL A 253 -10.53 -4.14 11.88
C VAL A 253 -10.38 -4.39 10.39
N LEU A 254 -9.14 -4.41 9.91
CA LEU A 254 -8.90 -4.69 8.50
C LEU A 254 -9.26 -6.13 8.16
N ALA A 255 -8.89 -7.07 9.02
CA ALA A 255 -9.26 -8.46 8.82
C ALA A 255 -10.78 -8.60 8.77
N SER A 256 -11.47 -7.94 9.68
CA SER A 256 -12.93 -8.01 9.71
C SER A 256 -13.53 -7.44 8.44
N ALA A 257 -13.02 -6.31 7.96
CA ALA A 257 -13.52 -5.72 6.74
C ALA A 257 -13.31 -6.66 5.54
N ALA A 258 -12.12 -7.27 5.48
CA ALA A 258 -11.83 -8.23 4.42
C ALA A 258 -12.81 -9.40 4.44
N LYS A 259 -13.09 -9.93 5.62
CA LYS A 259 -14.04 -11.03 5.73
C LYS A 259 -15.42 -10.61 5.28
N ILE A 260 -15.86 -9.41 5.68
CA ILE A 260 -17.19 -8.93 5.31
C ILE A 260 -17.34 -8.84 3.79
N VAL A 261 -16.35 -8.28 3.11
CA VAL A 261 -16.51 -8.02 1.68
C VAL A 261 -16.23 -9.21 0.79
N THR A 262 -15.64 -10.28 1.33
CA THR A 262 -15.37 -11.48 0.54
C THR A 262 -16.28 -12.63 0.91
N ASP A 263 -17.11 -12.49 1.93
CA ASP A 263 -18.09 -13.52 2.26
C ASP A 263 -18.97 -13.79 1.05
N GLY A 264 -19.04 -15.06 0.65
CA GLY A 264 -19.77 -15.50 -0.52
C GLY A 264 -18.88 -15.88 -1.68
N LEU A 265 -17.70 -15.27 -1.80
CA LEU A 265 -16.77 -15.61 -2.85
C LEU A 265 -16.02 -16.89 -2.49
C11 XR3 B . 4.90 -5.70 10.91
C15 XR3 B . 3.69 -5.04 10.95
C10 XR3 B . 6.11 -5.05 11.14
C9 XR3 B . 6.08 -3.69 11.41
C8 XR3 B . 4.88 -3.02 11.46
C5 XR3 B . 6.32 -0.68 9.74
C4 XR3 B . 6.53 0.46 8.78
B2 XR3 B . 4.99 1.94 7.61
C16 XR3 B . 3.68 -3.68 11.24
C19 XR3 B . 6.63 1.83 9.38
C20 XR3 B . 7.37 2.20 10.50
C21 XR3 B . 7.31 3.51 10.95
C22 XR3 B . 6.51 4.43 10.30
C23 XR3 B . 5.76 4.06 9.20
C24 XR3 B . 5.81 2.73 8.72
N12 XR3 B . 4.91 -7.13 10.69
N6 XR3 B . 5.04 -0.52 10.43
O1 XR3 B . 3.54 2.07 7.86
O13 XR3 B . 3.85 -7.73 10.81
O14 XR3 B . 5.95 -7.67 10.34
O17 XR3 B . 3.55 -0.96 12.31
O18 XR3 B . 6.00 -1.01 12.63
O3 XR3 B . 5.52 0.54 7.79
S7 XR3 B . 4.85 -1.30 11.83
H15 XR3 B . 2.85 -5.51 10.79
H10 XR3 B . 6.96 -5.52 11.09
H9 XR3 B . 6.93 -3.22 11.59
H5A XR3 B . 7.05 -0.70 10.38
H5B XR3 B . 6.32 -1.52 9.23
H4 XR3 B . 7.38 0.30 8.31
H16 XR3 B . 2.83 -3.21 11.26
H20 XR3 B . 7.93 1.55 10.96
H21 XR3 B . 7.84 3.78 11.73
H22 XR3 B . 6.47 5.35 10.63
H23 XR3 B . 5.21 4.71 8.75
H6 XR3 B . 4.39 -0.79 9.90
H1 XR3 B . 3.34 2.88 7.69
S SO4 C . -21.31 10.13 7.99
O1 SO4 C . -22.71 10.47 7.75
O2 SO4 C . -21.21 8.84 8.64
O3 SO4 C . -20.58 10.10 6.72
O4 SO4 C . -20.73 11.15 8.86
S SO4 D . -1.71 18.05 -8.07
O1 SO4 D . -2.33 19.36 -7.90
O2 SO4 D . -1.78 17.33 -6.81
O3 SO4 D . -2.40 17.33 -9.12
O4 SO4 D . -0.31 18.31 -8.40
S SO4 E . 6.28 18.34 9.01
O1 SO4 E . 7.21 18.69 10.07
O2 SO4 E . 5.80 16.97 9.22
O3 SO4 E . 6.95 18.44 7.71
O4 SO4 E . 5.15 19.28 9.05
S SO4 F . 1.72 -3.00 17.50
O1 SO4 F . 0.41 -3.62 17.60
O2 SO4 F . 2.73 -3.94 17.95
O3 SO4 F . 1.95 -2.57 16.12
O4 SO4 F . 1.77 -1.80 18.34
CL CL G . -9.42 -21.25 6.11
CL CL H . 2.62 -1.57 8.56
NA NA I . -4.05 6.29 -4.85
NA NA J . -2.64 -8.95 4.34
NA NA K . 0.44 8.92 5.13
S DMS L . -16.40 8.62 10.68
O DMS L . -16.84 7.59 11.67
C1 DMS L . -17.75 9.81 10.44
C2 DMS L . -15.26 9.77 11.47
H11 DMS L . -17.56 10.39 9.58
H12 DMS L . -17.80 10.45 11.29
H13 DMS L . -18.67 9.30 10.34
H21 DMS L . -15.40 10.74 11.07
H22 DMS L . -14.26 9.46 11.32
H23 DMS L . -15.47 9.79 12.52
S DMS M . 3.06 2.62 13.60
O DMS M . 4.24 2.67 12.66
C1 DMS M . 2.95 4.22 14.47
C2 DMS M . 3.45 1.49 14.96
H11 DMS M . 2.01 4.65 14.29
H12 DMS M . 3.72 4.86 14.10
H13 DMS M . 3.09 4.07 15.50
H21 DMS M . 2.60 0.87 15.16
H22 DMS M . 3.70 2.03 15.83
H23 DMS M . 4.27 0.88 14.68
#